data_7H6A
#
_entry.id   7H6A
#
_cell.length_a   74.200
_cell.length_b   74.200
_cell.length_c   49.370
_cell.angle_alpha   90.00
_cell.angle_beta   90.00
_cell.angle_gamma   90.00
#
_symmetry.space_group_name_H-M   'P 43'
#
loop_
_entity.id
_entity.type
_entity.pdbx_description
1 polymer Chymase
2 non-polymer 'ZINC ION'
3 non-polymer '3-[2-(dimethylamino)-2-oxoethyl]-5-fluoro-1-[(naphthalen-1-yl)methyl]-1H-indole-2-carboxylic acid'
4 non-polymer 'DIMETHYL SULFOXIDE'
5 water water
#
_entity_poly.entity_id   1
_entity_poly.type   'polypeptide(L)'
_entity_poly.pdbx_seq_one_letter_code
;IIGGTESKPHSRPYMAYLEIVTSNGPSKFCGGFLIRRNFVLTAAHCAGRSITVTLGAHNITEEEDTWQKLEVIKQFRHPK
YNTSTLHHDIMLLKLKEKASLTLAVGTLPFPSQKNFVPPGRMCRVAGWGRTGVLKPGSDTLQEVKLRLMDPQACSHFRDF
DHNLQLCVGNPRKTKSAFKGDSGGPLLCAGVAQGIVSYGRSDAKPPAVFTRISHYRPWINQILQAN
;
_entity_poly.pdbx_strand_id   A
#
# COMPACT_ATOMS: atom_id res chain seq x y z
N ILE A 1 -10.55 -4.38 -0.81
CA ILE A 1 -10.89 -4.38 0.65
C ILE A 1 -12.13 -5.24 0.83
N ILE A 2 -12.02 -6.28 1.67
CA ILE A 2 -13.14 -7.14 2.01
C ILE A 2 -13.69 -6.73 3.38
N GLY A 3 -15.01 -6.52 3.46
CA GLY A 3 -15.67 -6.36 4.75
C GLY A 3 -15.50 -4.96 5.34
N GLY A 4 -15.22 -3.98 4.49
CA GLY A 4 -14.94 -2.63 4.96
C GLY A 4 -16.11 -1.70 4.66
N THR A 5 -15.81 -0.41 4.66
CA THR A 5 -16.78 0.65 4.44
C THR A 5 -16.26 1.54 3.30
N GLU A 6 -17.16 2.24 2.61
CA GLU A 6 -16.73 3.31 1.71
C GLU A 6 -16.07 4.45 2.51
N SER A 7 -14.85 4.87 2.10
CA SER A 7 -14.17 6.01 2.70
C SER A 7 -15.01 7.28 2.50
N LYS A 8 -14.98 8.19 3.48
CA LYS A 8 -15.49 9.53 3.23
C LYS A 8 -14.68 10.14 2.09
N PRO A 9 -15.31 10.64 1.02
CA PRO A 9 -14.53 11.06 -0.16
C PRO A 9 -13.44 12.08 0.19
N HIS A 10 -12.21 11.80 -0.26
CA HIS A 10 -11.06 12.68 -0.12
C HIS A 10 -10.55 12.78 1.32
N SER A 11 -11.02 11.89 2.22
CA SER A 11 -10.60 11.89 3.61
C SER A 11 -9.21 11.29 3.84
N ARG A 12 -8.64 10.62 2.84
CA ARG A 12 -7.27 10.11 2.88
C ARG A 12 -6.48 10.73 1.73
N PRO A 13 -6.11 12.03 1.82
CA PRO A 13 -5.63 12.76 0.63
C PRO A 13 -4.26 12.38 0.08
N TYR A 14 -3.53 11.52 0.80
CA TYR A 14 -2.26 10.94 0.37
C TYR A 14 -2.44 9.69 -0.49
N MET A 15 -3.67 9.16 -0.65
CA MET A 15 -3.86 7.91 -1.37
C MET A 15 -3.59 8.05 -2.88
N ALA A 16 -2.87 7.08 -3.43
CA ALA A 16 -2.47 7.06 -4.82
C ALA A 16 -3.06 5.82 -5.49
N TYR A 17 -3.61 6.01 -6.70
CA TYR A 17 -4.08 4.93 -7.55
C TYR A 17 -3.10 4.75 -8.70
N LEU A 18 -2.52 3.54 -8.82
CA LEU A 18 -1.46 3.25 -9.77
C LEU A 18 -1.98 2.33 -10.88
N GLU A 19 -1.73 2.74 -12.14
CA GLU A 19 -1.95 1.88 -13.30
C GLU A 19 -0.59 1.42 -13.80
N ILE A 20 -0.38 0.09 -13.88
CA ILE A 20 0.91 -0.49 -14.13
C ILE A 20 0.92 -1.18 -15.48
N VAL A 21 1.83 -0.72 -16.34
CA VAL A 21 1.91 -1.21 -17.70
C VAL A 21 3.08 -2.18 -17.84
N THR A 22 2.82 -3.27 -18.56
CA THR A 22 3.83 -4.24 -18.98
C THR A 22 3.68 -4.47 -20.48
N SER A 23 4.71 -5.04 -21.11
CA SER A 23 4.79 -5.08 -22.56
C SER A 23 3.84 -6.12 -23.17
N ASN A 24 3.49 -7.16 -22.37
CA ASN A 24 2.86 -8.41 -22.81
C ASN A 24 1.59 -8.80 -22.03
N GLY A 25 0.92 -7.82 -21.42
CA GLY A 25 -0.40 -8.04 -20.89
C GLY A 25 -1.09 -6.69 -20.70
N PRO A 26 -2.39 -6.66 -20.41
CA PRO A 26 -3.09 -5.39 -20.12
C PRO A 26 -2.67 -4.80 -18.79
N SER A 27 -3.13 -3.57 -18.53
CA SER A 27 -2.87 -2.84 -17.29
C SER A 27 -3.22 -3.67 -16.06
N LYS A 28 -2.39 -3.54 -15.02
CA LYS A 28 -2.69 -4.01 -13.67
C LYS A 28 -2.75 -2.78 -12.75
N PHE A 29 -3.28 -2.95 -11.53
CA PHE A 29 -3.49 -1.80 -10.66
C PHE A 29 -3.00 -2.10 -9.25
N CYS A 30 -2.53 -1.02 -8.59
CA CYS A 30 -2.08 -1.05 -7.20
C CYS A 30 -2.52 0.24 -6.51
N GLY A 31 -2.42 0.23 -5.18
CA GLY A 31 -2.43 1.46 -4.42
C GLY A 31 -1.01 1.93 -4.12
N GLY A 32 -0.95 3.04 -3.40
CA GLY A 32 0.29 3.67 -2.97
C GLY A 32 -0.06 4.89 -2.12
N PHE A 33 0.95 5.60 -1.62
CA PHE A 33 0.68 6.82 -0.88
C PHE A 33 1.78 7.85 -1.11
N LEU A 34 1.36 9.12 -1.13
CA LEU A 34 2.24 10.24 -1.37
C LEU A 34 2.98 10.62 -0.10
N ILE A 35 4.31 10.46 -0.07
CA ILE A 35 5.08 10.79 1.13
C ILE A 35 5.88 12.07 0.97
N ARG A 36 6.15 12.50 -0.28
CA ARG A 36 6.64 13.83 -0.60
C ARG A 36 5.87 14.31 -1.82
N ARG A 37 5.92 15.62 -2.14
CA ARG A 37 5.14 16.08 -3.28
C ARG A 37 5.54 15.36 -4.58
N ASN A 38 6.76 14.80 -4.68
CA ASN A 38 7.14 14.07 -5.89
C ASN A 38 7.56 12.62 -5.60
N PHE A 39 7.10 12.03 -4.48
CA PHE A 39 7.40 10.62 -4.24
C PHE A 39 6.19 9.87 -3.67
N VAL A 40 5.93 8.70 -4.26
CA VAL A 40 4.91 7.76 -3.84
C VAL A 40 5.59 6.47 -3.38
N LEU A 41 5.16 5.97 -2.22
CA LEU A 41 5.62 4.70 -1.71
C LEU A 41 4.58 3.62 -2.02
N THR A 42 5.05 2.43 -2.42
CA THR A 42 4.19 1.32 -2.80
C THR A 42 4.98 0.01 -2.67
N ALA A 43 4.44 -1.08 -3.22
CA ALA A 43 5.07 -2.41 -3.18
C ALA A 43 5.95 -2.62 -4.41
N ALA A 44 7.10 -3.28 -4.22
CA ALA A 44 7.99 -3.62 -5.33
C ALA A 44 7.34 -4.52 -6.40
N HIS A 45 6.41 -5.38 -6.01
CA HIS A 45 5.71 -6.24 -6.95
C HIS A 45 4.78 -5.45 -7.87
N CYS A 46 4.61 -4.14 -7.61
CA CYS A 46 3.85 -3.25 -8.48
C CYS A 46 4.73 -2.57 -9.57
N ALA A 47 5.99 -2.96 -9.69
CA ALA A 47 6.88 -2.39 -10.71
C ALA A 47 6.42 -2.81 -12.09
N GLY A 48 6.69 -1.96 -13.10
CA GLY A 48 6.35 -2.33 -14.46
C GLY A 48 7.22 -1.54 -15.44
N ARG A 49 6.88 -1.65 -16.72
CA ARG A 49 7.62 -0.89 -17.72
C ARG A 49 7.35 0.59 -17.54
N SER A 50 6.10 0.95 -17.25
CA SER A 50 5.74 2.33 -16.97
C SER A 50 4.56 2.33 -16.00
N ILE A 51 4.44 3.43 -15.22
CA ILE A 51 3.38 3.54 -14.24
C ILE A 51 2.77 4.95 -14.33
N THR A 52 1.44 5.03 -14.21
N THR A 52 1.45 5.05 -14.19
CA THR A 52 0.76 6.30 -14.02
CA THR A 52 0.79 6.34 -14.00
C THR A 52 0.19 6.36 -12.60
C THR A 52 0.08 6.40 -12.65
N VAL A 53 0.20 7.55 -12.01
CA VAL A 53 -0.33 7.82 -10.68
C VAL A 53 -1.51 8.78 -10.80
N THR A 54 -2.62 8.46 -10.13
CA THR A 54 -3.74 9.39 -10.01
C THR A 54 -3.91 9.70 -8.52
N LEU A 55 -3.73 10.99 -8.19
CA LEU A 55 -4.01 11.54 -6.87
C LEU A 55 -5.38 12.23 -6.87
N GLY A 56 -5.96 12.35 -5.68
CA GLY A 56 -7.21 13.10 -5.54
C GLY A 56 -8.47 12.31 -5.87
N ALA A 57 -8.39 10.98 -5.99
CA ALA A 57 -9.54 10.20 -6.43
C ALA A 57 -10.37 9.70 -5.26
N HIS A 58 -11.68 9.54 -5.56
CA HIS A 58 -12.58 8.75 -4.73
C HIS A 58 -13.21 7.64 -5.59
N ASN A 59 -14.16 8.00 -6.45
CA ASN A 59 -14.66 7.12 -7.48
C ASN A 59 -13.75 7.22 -8.68
N ILE A 60 -12.94 6.17 -8.92
CA ILE A 60 -11.94 6.18 -9.96
C ILE A 60 -12.54 6.10 -11.38
N THR A 61 -13.88 5.96 -11.51
CA THR A 61 -14.52 5.89 -12.81
C THR A 61 -15.06 7.27 -13.24
N GLU A 62 -15.03 8.26 -12.34
CA GLU A 62 -15.62 9.55 -12.64
C GLU A 62 -14.59 10.67 -12.44
N GLU A 63 -14.08 11.19 -13.57
CA GLU A 63 -13.10 12.26 -13.57
C GLU A 63 -13.69 13.47 -12.85
N GLU A 64 -12.87 14.17 -12.06
CA GLU A 64 -13.31 15.36 -11.36
C GLU A 64 -12.12 16.30 -11.18
N ASP A 65 -12.38 17.54 -10.74
CA ASP A 65 -11.33 18.55 -10.66
C ASP A 65 -10.24 18.19 -9.65
N THR A 66 -10.57 17.40 -8.61
CA THR A 66 -9.57 16.99 -7.63
C THR A 66 -8.50 16.06 -8.25
N TRP A 67 -8.80 15.39 -9.39
CA TRP A 67 -7.81 14.48 -9.96
C TRP A 67 -6.55 15.22 -10.34
N GLN A 68 -5.40 14.60 -10.04
CA GLN A 68 -4.11 14.94 -10.62
C GLN A 68 -3.52 13.65 -11.18
N LYS A 69 -3.42 13.57 -12.52
CA LYS A 69 -2.81 12.43 -13.19
C LYS A 69 -1.36 12.78 -13.42
N LEU A 70 -0.45 12.03 -12.80
CA LEU A 70 0.95 12.40 -12.77
C LEU A 70 1.84 11.31 -13.34
N GLU A 71 2.82 11.74 -14.15
CA GLU A 71 3.81 10.87 -14.76
C GLU A 71 4.86 10.46 -13.73
N VAL A 72 5.27 9.19 -13.81
CA VAL A 72 6.41 8.67 -13.06
C VAL A 72 7.67 8.74 -13.92
N ILE A 73 8.76 9.33 -13.42
N ILE A 73 8.71 9.41 -13.40
CA ILE A 73 9.99 9.39 -14.21
CA ILE A 73 9.97 9.52 -14.12
C ILE A 73 10.97 8.27 -13.89
C ILE A 73 10.82 8.25 -13.92
N LYS A 74 10.90 7.73 -12.69
CA LYS A 74 11.81 6.64 -12.31
C LYS A 74 11.20 5.83 -11.17
N GLN A 75 11.49 4.51 -11.22
CA GLN A 75 11.08 3.53 -10.22
C GLN A 75 12.31 3.09 -9.44
N PHE A 76 12.20 3.11 -8.10
CA PHE A 76 13.27 2.67 -7.22
C PHE A 76 12.79 1.46 -6.43
N ARG A 77 13.00 0.26 -6.99
CA ARG A 77 12.63 -0.99 -6.34
C ARG A 77 13.72 -1.33 -5.32
N HIS A 78 13.34 -1.86 -4.15
CA HIS A 78 14.32 -2.23 -3.14
C HIS A 78 15.33 -3.19 -3.79
N PRO A 79 16.65 -2.92 -3.64
CA PRO A 79 17.66 -3.71 -4.35
C PRO A 79 17.72 -5.17 -3.93
N LYS A 80 17.15 -5.52 -2.77
CA LYS A 80 17.15 -6.91 -2.30
C LYS A 80 15.79 -7.59 -2.46
N TYR A 81 14.84 -6.94 -3.16
CA TYR A 81 13.54 -7.52 -3.45
C TYR A 81 13.72 -8.88 -4.13
N ASN A 82 13.01 -9.88 -3.59
CA ASN A 82 13.10 -11.26 -4.04
C ASN A 82 11.74 -11.73 -4.55
N THR A 83 11.63 -12.10 -5.82
CA THR A 83 10.34 -12.45 -6.40
C THR A 83 9.84 -13.82 -5.92
N SER A 84 10.71 -14.65 -5.34
CA SER A 84 10.34 -15.96 -4.80
C SER A 84 9.78 -15.85 -3.38
N THR A 85 10.52 -15.19 -2.48
CA THR A 85 10.15 -15.09 -1.07
C THR A 85 9.22 -13.91 -0.82
N LEU A 86 9.29 -12.93 -1.73
CA LEU A 86 8.66 -11.61 -1.60
C LEU A 86 9.23 -10.82 -0.42
N HIS A 87 10.44 -11.13 0.08
CA HIS A 87 11.09 -10.25 1.03
C HIS A 87 11.42 -8.90 0.39
N HIS A 88 11.31 -7.84 1.21
CA HIS A 88 11.68 -6.49 0.82
C HIS A 88 10.77 -5.96 -0.29
N ASP A 89 9.47 -6.18 -0.11
CA ASP A 89 8.47 -5.79 -1.09
C ASP A 89 8.11 -4.31 -0.90
N ILE A 90 8.98 -3.42 -1.41
CA ILE A 90 8.86 -1.99 -1.19
C ILE A 90 9.50 -1.27 -2.37
N MET A 91 8.89 -0.17 -2.81
CA MET A 91 9.35 0.63 -3.93
C MET A 91 8.92 2.08 -3.78
N LEU A 92 9.85 2.98 -4.21
CA LEU A 92 9.55 4.40 -4.32
C LEU A 92 9.42 4.80 -5.77
N LEU A 93 8.42 5.64 -6.06
CA LEU A 93 8.18 6.20 -7.38
C LEU A 93 8.45 7.69 -7.34
N LYS A 94 9.36 8.16 -8.20
CA LYS A 94 9.59 9.59 -8.30
C LYS A 94 8.70 10.12 -9.42
N LEU A 95 7.95 11.16 -9.09
CA LEU A 95 7.06 11.82 -10.05
C LEU A 95 7.84 12.87 -10.84
N LYS A 96 7.39 13.07 -12.07
CA LYS A 96 8.02 14.00 -13.00
C LYS A 96 7.96 15.42 -12.46
N GLU A 97 6.82 15.80 -11.86
CA GLU A 97 6.68 17.10 -11.22
C GLU A 97 6.12 16.92 -9.81
N LYS A 98 6.22 17.97 -9.00
CA LYS A 98 5.65 17.91 -7.66
C LYS A 98 4.15 18.06 -7.83
N ALA A 99 3.38 17.26 -7.07
CA ALA A 99 1.93 17.40 -7.02
C ALA A 99 1.53 18.76 -6.46
N SER A 100 0.33 19.21 -6.83
CA SER A 100 -0.27 20.37 -6.21
C SER A 100 -0.90 19.98 -4.89
N LEU A 101 -0.74 20.84 -3.88
CA LEU A 101 -1.41 20.67 -2.61
C LEU A 101 -2.81 21.27 -2.69
N THR A 102 -3.83 20.45 -2.35
CA THR A 102 -5.24 20.83 -2.32
C THR A 102 -5.87 20.19 -1.09
N LEU A 103 -7.16 20.44 -0.86
CA LEU A 103 -7.85 19.75 0.22
C LEU A 103 -7.80 18.24 -0.02
N ALA A 104 -7.90 17.83 -1.29
CA ALA A 104 -8.00 16.42 -1.66
C ALA A 104 -6.65 15.74 -1.88
N VAL A 105 -5.55 16.49 -1.91
CA VAL A 105 -4.22 15.94 -2.20
C VAL A 105 -3.20 16.54 -1.25
N GLY A 106 -2.54 15.68 -0.47
CA GLY A 106 -1.54 16.09 0.48
C GLY A 106 -0.62 14.93 0.82
N THR A 107 0.54 15.24 1.42
CA THR A 107 1.52 14.22 1.75
C THR A 107 1.26 13.64 3.13
N LEU A 108 1.81 12.44 3.34
CA LEU A 108 1.85 11.78 4.63
C LEU A 108 3.31 11.49 4.96
N PRO A 109 4.10 12.48 5.46
CA PRO A 109 5.50 12.22 5.81
C PRO A 109 5.57 11.39 7.08
N PHE A 110 6.69 10.68 7.24
CA PHE A 110 6.90 9.88 8.44
C PHE A 110 7.24 10.81 9.61
N PRO A 111 6.84 10.46 10.85
CA PRO A 111 7.36 11.13 12.03
C PRO A 111 8.81 10.69 12.26
N SER A 112 9.53 11.39 13.14
N SER A 112 9.52 11.40 13.14
CA SER A 112 10.93 11.06 13.39
CA SER A 112 10.90 11.09 13.44
C SER A 112 11.08 9.66 13.98
C SER A 112 11.05 9.66 13.97
N GLN A 113 10.15 9.27 14.88
CA GLN A 113 10.21 7.97 15.56
C GLN A 113 10.00 6.83 14.56
N LYS A 114 10.74 5.73 14.75
CA LYS A 114 10.64 4.54 13.91
C LYS A 114 10.58 3.29 14.77
N ASN A 115 9.80 3.37 15.85
CA ASN A 115 9.69 2.31 16.83
C ASN A 115 9.02 1.08 16.21
N PHE A 116 9.46 -0.11 16.65
CA PHE A 116 8.88 -1.37 16.21
C PHE A 116 7.48 -1.50 16.79
N VAL A 117 6.50 -1.82 15.93
CA VAL A 117 5.12 -1.94 16.33
C VAL A 117 4.82 -3.39 16.68
N PRO A 118 4.49 -3.68 17.96
CA PRO A 118 4.21 -5.04 18.38
C PRO A 118 2.79 -5.44 18.02
N PRO A 119 2.48 -6.75 18.07
CA PRO A 119 1.11 -7.22 17.92
C PRO A 119 0.16 -6.63 18.96
N GLY A 120 -1.11 -6.51 18.57
CA GLY A 120 -2.22 -6.33 19.49
C GLY A 120 -3.22 -5.24 19.10
N ARG A 121 -2.73 -4.15 18.50
CA ARG A 121 -3.58 -2.99 18.24
C ARG A 121 -4.41 -3.17 16.96
N MET A 122 -5.33 -2.21 16.75
CA MET A 122 -6.10 -2.08 15.52
C MET A 122 -5.47 -0.98 14.66
N CYS A 123 -5.46 -1.24 13.34
CA CYS A 123 -4.95 -0.31 12.34
C CYS A 123 -5.96 -0.29 11.19
N ARG A 124 -5.82 0.66 10.25
CA ARG A 124 -6.76 0.79 9.15
C ARG A 124 -6.00 0.77 7.82
N VAL A 125 -6.57 0.08 6.82
CA VAL A 125 -6.02 0.02 5.47
C VAL A 125 -7.11 0.44 4.47
N ALA A 126 -6.70 1.14 3.38
CA ALA A 126 -7.63 1.60 2.35
C ALA A 126 -7.16 1.14 0.96
N GLY A 127 -8.11 1.00 0.05
CA GLY A 127 -7.79 0.62 -1.32
C GLY A 127 -9.01 0.52 -2.22
N TRP A 128 -8.73 0.36 -3.51
CA TRP A 128 -9.75 0.18 -4.56
C TRP A 128 -9.81 -1.28 -5.02
N GLY A 129 -9.26 -2.19 -4.22
CA GLY A 129 -9.19 -3.59 -4.64
C GLY A 129 -10.53 -4.33 -4.56
N ARG A 130 -10.47 -5.62 -4.89
CA ARG A 130 -11.63 -6.48 -4.89
C ARG A 130 -12.25 -6.56 -3.51
N THR A 131 -13.58 -6.69 -3.49
CA THR A 131 -14.37 -6.74 -2.27
C THR A 131 -14.79 -8.18 -1.97
N GLY A 132 -14.22 -9.13 -2.70
CA GLY A 132 -14.39 -10.55 -2.45
C GLY A 132 -13.69 -11.35 -3.53
N VAL A 133 -13.59 -12.68 -3.36
CA VAL A 133 -12.86 -13.53 -4.29
C VAL A 133 -13.45 -13.38 -5.70
N LEU A 134 -14.76 -13.39 -5.83
CA LEU A 134 -15.33 -13.39 -7.17
C LEU A 134 -15.77 -12.00 -7.58
N LYS A 135 -15.34 -10.95 -6.85
CA LYS A 135 -15.86 -9.61 -7.07
C LYS A 135 -14.79 -8.74 -7.73
N PRO A 136 -15.14 -8.03 -8.82
CA PRO A 136 -14.27 -6.95 -9.25
C PRO A 136 -13.79 -5.88 -8.24
N GLY A 137 -12.74 -5.18 -8.66
CA GLY A 137 -12.23 -4.03 -7.93
C GLY A 137 -13.32 -3.00 -7.70
N SER A 138 -13.28 -2.33 -6.53
CA SER A 138 -14.22 -1.30 -6.13
C SER A 138 -14.00 -0.04 -6.97
N ASP A 139 -15.10 0.58 -7.43
CA ASP A 139 -14.98 1.86 -8.09
C ASP A 139 -14.67 2.98 -7.08
N THR A 140 -15.10 2.82 -5.82
CA THR A 140 -14.87 3.81 -4.75
C THR A 140 -13.77 3.34 -3.80
N LEU A 141 -13.03 4.29 -3.21
CA LEU A 141 -12.08 3.96 -2.17
C LEU A 141 -12.82 3.36 -0.96
N GLN A 142 -12.31 2.21 -0.50
CA GLN A 142 -12.85 1.48 0.65
C GLN A 142 -11.79 1.42 1.75
N GLU A 143 -12.23 1.18 3.00
CA GLU A 143 -11.29 1.03 4.11
C GLU A 143 -11.86 0.08 5.16
N VAL A 144 -10.94 -0.52 5.94
CA VAL A 144 -11.31 -1.51 6.94
C VAL A 144 -10.32 -1.44 8.11
N LYS A 145 -10.84 -1.66 9.34
CA LYS A 145 -10.04 -1.72 10.55
C LYS A 145 -9.71 -3.19 10.82
N LEU A 146 -8.41 -3.47 11.04
CA LEU A 146 -7.85 -4.82 11.13
C LEU A 146 -6.92 -4.95 12.34
N ARG A 147 -6.91 -6.16 12.91
N ARG A 147 -6.83 -6.18 12.90
CA ARG A 147 -6.09 -6.45 14.08
CA ARG A 147 -6.00 -6.43 14.06
C ARG A 147 -4.69 -6.88 13.65
C ARG A 147 -4.56 -6.78 13.66
N LEU A 148 -3.67 -6.24 14.23
N LEU A 148 -3.60 -6.30 14.45
CA LEU A 148 -2.31 -6.74 14.15
CA LEU A 148 -2.21 -6.69 14.28
C LEU A 148 -2.24 -8.02 14.99
C LEU A 148 -1.94 -7.97 15.07
N MET A 149 -1.76 -9.09 14.34
CA MET A 149 -1.71 -10.41 14.95
C MET A 149 -0.29 -10.76 15.39
N ASP A 150 -0.20 -11.67 16.36
CA ASP A 150 1.08 -12.25 16.70
C ASP A 150 1.65 -12.95 15.47
N PRO A 151 2.98 -13.01 15.29
CA PRO A 151 3.56 -13.55 14.05
C PRO A 151 3.21 -15.02 13.80
N GLN A 152 2.93 -15.81 14.84
CA GLN A 152 2.60 -17.22 14.63
C GLN A 152 1.31 -17.37 13.82
N ALA A 153 0.47 -16.34 13.79
CA ALA A 153 -0.75 -16.38 12.98
C ALA A 153 -0.45 -16.43 11.47
N CYS A 154 0.77 -16.02 11.08
CA CYS A 154 1.19 -15.99 9.67
C CYS A 154 2.22 -17.08 9.36
N SER A 155 2.38 -18.08 10.24
CA SER A 155 3.40 -19.12 10.07
C SER A 155 3.22 -19.92 8.76
N HIS A 156 1.96 -20.11 8.35
CA HIS A 156 1.65 -20.89 7.16
C HIS A 156 2.23 -20.24 5.89
N PHE A 157 2.46 -18.93 5.93
CA PHE A 157 3.26 -18.29 4.88
C PHE A 157 4.72 -18.61 5.20
N ARG A 158 5.29 -19.59 4.51
CA ARG A 158 6.54 -20.18 5.00
C ARG A 158 7.70 -19.21 4.91
N ASP A 159 7.60 -18.19 4.03
CA ASP A 159 8.62 -17.15 3.92
C ASP A 159 8.29 -15.87 4.70
N PHE A 160 7.25 -15.87 5.52
CA PHE A 160 6.97 -14.74 6.40
C PHE A 160 8.08 -14.59 7.45
N ASP A 161 8.45 -13.35 7.77
N ASP A 161 8.37 -13.34 7.84
CA ASP A 161 9.35 -13.10 8.89
CA ASP A 161 9.41 -13.05 8.82
C ASP A 161 8.84 -11.92 9.69
C ASP A 161 8.96 -11.86 9.68
N HIS A 162 8.84 -12.08 11.01
CA HIS A 162 8.31 -11.09 11.94
C HIS A 162 9.10 -9.76 11.92
N ASN A 163 10.42 -9.85 11.69
N ASN A 163 10.40 -9.81 11.67
CA ASN A 163 11.29 -8.69 11.68
CA ASN A 163 11.17 -8.59 11.75
C ASN A 163 10.93 -7.80 10.49
C ASN A 163 11.08 -7.81 10.44
N LEU A 164 10.57 -8.43 9.37
CA LEU A 164 10.43 -7.76 8.09
C LEU A 164 8.98 -7.34 7.79
N GLN A 165 8.01 -7.99 8.43
CA GLN A 165 6.63 -7.94 7.96
C GLN A 165 5.68 -7.91 9.16
N LEU A 166 4.51 -7.31 8.92
CA LEU A 166 3.39 -7.36 9.84
C LEU A 166 2.40 -8.44 9.39
N CYS A 167 1.74 -9.05 10.39
CA CYS A 167 0.72 -10.06 10.19
C CYS A 167 -0.66 -9.46 10.50
N VAL A 168 -1.52 -9.30 9.48
CA VAL A 168 -2.65 -8.38 9.63
C VAL A 168 -3.99 -9.03 9.29
N GLY A 169 -4.91 -9.00 10.28
CA GLY A 169 -6.26 -9.51 10.11
C GLY A 169 -6.55 -10.75 10.95
N ASN A 170 -7.51 -10.62 11.87
CA ASN A 170 -7.99 -11.72 12.69
C ASN A 170 -8.56 -12.82 11.81
N PRO A 171 -8.06 -14.08 11.88
CA PRO A 171 -8.55 -15.14 11.01
C PRO A 171 -10.02 -15.52 11.22
N ARG A 172 -10.61 -15.09 12.36
CA ARG A 172 -12.00 -15.37 12.66
C ARG A 172 -12.99 -14.46 11.91
N LYS A 173 -12.49 -13.42 11.22
CA LYS A 173 -13.32 -12.48 10.51
C LYS A 173 -12.96 -12.54 9.03
N THR A 174 -13.85 -12.01 8.18
CA THR A 174 -13.60 -11.91 6.74
C THR A 174 -12.80 -10.66 6.40
N LYS A 175 -12.83 -9.65 7.28
CA LYS A 175 -12.21 -8.36 6.99
C LYS A 175 -10.76 -8.52 6.56
N SER A 176 -10.36 -7.88 5.44
CA SER A 176 -8.98 -8.04 4.96
C SER A 176 -8.66 -7.07 3.84
N ALA A 177 -7.37 -6.72 3.70
CA ALA A 177 -6.88 -6.27 2.39
C ALA A 177 -6.90 -7.44 1.43
N PHE A 178 -7.06 -7.15 0.13
CA PHE A 178 -7.03 -8.23 -0.86
C PHE A 178 -6.45 -7.76 -2.19
N LYS A 179 -6.56 -8.60 -3.22
CA LYS A 179 -6.09 -8.27 -4.55
C LYS A 179 -6.63 -6.92 -5.00
N GLY A 180 -5.71 -6.11 -5.53
CA GLY A 180 -6.00 -4.76 -5.97
C GLY A 180 -5.71 -3.72 -4.89
N ASP A 181 -5.44 -4.17 -3.65
CA ASP A 181 -5.08 -3.27 -2.57
C ASP A 181 -3.56 -3.19 -2.39
N SER A 182 -2.80 -3.99 -3.14
CA SER A 182 -1.33 -4.02 -3.11
C SER A 182 -0.74 -2.64 -3.06
N GLY A 183 0.21 -2.39 -2.15
CA GLY A 183 0.96 -1.13 -2.14
C GLY A 183 0.33 -0.04 -1.28
N GLY A 184 -0.91 -0.25 -0.84
CA GLY A 184 -1.61 0.73 -0.01
C GLY A 184 -1.07 0.72 1.41
N PRO A 185 -1.20 1.85 2.15
CA PRO A 185 -0.72 1.95 3.52
C PRO A 185 -1.63 1.34 4.58
N LEU A 186 -1.00 0.78 5.60
CA LEU A 186 -1.68 0.45 6.85
C LEU A 186 -1.35 1.53 7.87
N LEU A 187 -2.37 2.27 8.33
CA LEU A 187 -2.15 3.34 9.29
C LEU A 187 -2.56 2.88 10.68
N CYS A 188 -1.70 3.16 11.66
CA CYS A 188 -1.94 2.84 13.05
C CYS A 188 -1.86 4.16 13.82
N ALA A 189 -3.00 4.63 14.36
CA ALA A 189 -3.09 5.93 15.02
C ALA A 189 -2.56 7.02 14.07
N GLY A 190 -2.94 6.94 12.80
CA GLY A 190 -2.64 7.99 11.85
C GLY A 190 -1.22 7.97 11.29
N VAL A 191 -0.45 6.90 11.58
CA VAL A 191 0.94 6.81 11.16
C VAL A 191 1.07 5.57 10.27
N ALA A 192 1.66 5.70 9.08
CA ALA A 192 1.84 4.56 8.19
C ALA A 192 2.86 3.58 8.79
N GLN A 193 2.45 2.32 8.99
CA GLN A 193 3.33 1.33 9.60
C GLN A 193 3.50 0.10 8.70
N GLY A 194 2.64 -0.06 7.70
CA GLY A 194 2.70 -1.22 6.83
C GLY A 194 2.36 -0.89 5.37
N ILE A 195 2.71 -1.80 4.44
CA ILE A 195 2.35 -1.73 3.03
C ILE A 195 1.72 -3.07 2.65
N VAL A 196 0.52 -3.07 2.04
CA VAL A 196 -0.10 -4.34 1.62
C VAL A 196 0.84 -5.10 0.67
N SER A 197 1.20 -6.35 1.01
CA SER A 197 2.09 -7.15 0.17
C SER A 197 1.41 -8.38 -0.44
N TYR A 198 1.01 -9.38 0.33
CA TYR A 198 0.40 -10.56 -0.25
C TYR A 198 -0.43 -11.31 0.78
N GLY A 199 -1.13 -12.34 0.31
CA GLY A 199 -1.89 -13.22 1.18
C GLY A 199 -2.42 -14.40 0.37
N ARG A 200 -3.50 -15.02 0.87
CA ARG A 200 -4.07 -16.20 0.25
C ARG A 200 -5.02 -15.83 -0.90
N SER A 201 -4.99 -16.62 -1.97
N SER A 201 -5.00 -16.64 -1.95
CA SER A 201 -5.92 -16.47 -3.09
CA SER A 201 -5.90 -16.45 -3.08
C SER A 201 -7.38 -16.53 -2.63
C SER A 201 -7.37 -16.61 -2.69
N ASP A 202 -7.68 -17.34 -1.60
CA ASP A 202 -9.05 -17.51 -1.13
C ASP A 202 -9.49 -16.46 -0.12
N ALA A 203 -8.62 -15.47 0.14
CA ALA A 203 -8.93 -14.29 0.93
C ALA A 203 -9.01 -14.56 2.44
N LYS A 204 -8.63 -15.75 2.93
CA LYS A 204 -8.74 -16.01 4.36
C LYS A 204 -7.62 -15.24 5.07
N PRO A 205 -7.97 -14.35 6.01
CA PRO A 205 -6.90 -13.61 6.66
C PRO A 205 -6.18 -14.50 7.67
N PRO A 206 -5.01 -14.10 8.21
CA PRO A 206 -4.34 -12.82 7.92
C PRO A 206 -3.62 -12.67 6.58
N ALA A 207 -3.31 -11.41 6.23
CA ALA A 207 -2.43 -11.08 5.13
C ALA A 207 -1.10 -10.50 5.62
N VAL A 208 -0.14 -10.43 4.70
CA VAL A 208 1.24 -10.05 5.00
C VAL A 208 1.50 -8.64 4.46
N PHE A 209 1.99 -7.77 5.34
CA PHE A 209 2.31 -6.39 5.01
C PHE A 209 3.80 -6.15 5.24
N THR A 210 4.43 -5.34 4.38
CA THR A 210 5.80 -4.90 4.62
C THR A 210 5.86 -4.05 5.89
N ARG A 211 6.82 -4.33 6.78
CA ARG A 211 6.95 -3.56 8.02
C ARG A 211 7.80 -2.32 7.76
N ILE A 212 7.18 -1.13 7.70
CA ILE A 212 7.87 0.06 7.24
C ILE A 212 9.07 0.41 8.13
N SER A 213 8.97 0.23 9.44
CA SER A 213 10.04 0.64 10.35
C SER A 213 11.40 0.05 9.91
N HIS A 214 11.38 -1.19 9.42
CA HIS A 214 12.60 -1.87 8.99
C HIS A 214 13.30 -1.16 7.83
N TYR A 215 12.52 -0.46 6.98
CA TYR A 215 12.98 0.12 5.72
C TYR A 215 13.20 1.64 5.82
N ARG A 216 13.04 2.20 7.02
CA ARG A 216 13.14 3.66 7.14
C ARG A 216 14.52 4.15 6.67
N PRO A 217 15.65 3.48 7.02
CA PRO A 217 16.96 3.93 6.51
C PRO A 217 17.05 3.98 4.99
N TRP A 218 16.55 2.92 4.33
CA TRP A 218 16.55 2.86 2.88
C TRP A 218 15.69 3.98 2.29
N ILE A 219 14.47 4.17 2.80
CA ILE A 219 13.58 5.24 2.33
C ILE A 219 14.30 6.59 2.41
N ASN A 220 14.90 6.86 3.57
CA ASN A 220 15.62 8.11 3.79
C ASN A 220 16.74 8.27 2.75
N GLN A 221 17.50 7.20 2.48
CA GLN A 221 18.64 7.25 1.56
C GLN A 221 18.21 7.63 0.15
N ILE A 222 17.10 7.02 -0.32
CA ILE A 222 16.57 7.33 -1.64
C ILE A 222 16.09 8.79 -1.68
N LEU A 223 15.33 9.22 -0.67
CA LEU A 223 14.73 10.56 -0.67
C LEU A 223 15.84 11.63 -0.65
N GLN A 224 16.88 11.40 0.15
CA GLN A 224 17.95 12.39 0.29
C GLN A 224 18.80 12.51 -0.98
N ALA A 225 18.95 11.44 -1.78
CA ALA A 225 19.80 11.41 -2.97
C ALA A 225 19.06 11.75 -4.26
N ASN A 226 17.73 11.96 -4.21
CA ASN A 226 16.96 12.12 -5.43
C ASN A 226 16.01 13.31 -5.26
#